data_8SSR
#
_entry.id   8SSR
#
_cell.length_a   362.211
_cell.length_b   68.090
_cell.length_c   61.988
_cell.angle_alpha   90.000
_cell.angle_beta   94.870
_cell.angle_gamma   90.000
#
_symmetry.space_group_name_H-M   'C 1 2 1'
#
loop_
_entity.id
_entity.type
_entity.pdbx_description
1 polymer 'Transcriptional repressor CTCF'
2 polymer 'DNA (35-MER) Strand I'
3 polymer 'DNA (35-MER) Strand II'
4 non-polymer 'ZINC ION'
5 non-polymer 'SODIUM ION'
#
loop_
_entity_poly.entity_id
_entity_poly.type
_entity_poly.pdbx_seq_one_letter_code
_entity_poly.pdbx_strand_id
1 'polypeptide(L)'
;TRPHKCPDCDMAFVTSGELVRHRRYKHTHEKPFKCSMCDYASVEVSKLKRHIRSHTGERPFQCSLCSYASRDTYKLKRHM
RTHSGEKPYECYICHARFTQSGTMKMHILQKHTENVAKFHCPHCDTVIARKSDLGVHLRKQHSYIEQGKKCRYCDAVFHE
RYALIQHQKSHKNEKRFKCDQCDYACRQERHMIMHKRTHTGEKPYACSHCDKTFRQKQLLDMHFKRYHDPNFVPAAFVCS
KCGKTFTRRNTMARHADNCAGPDGVEGENGGETKKSKRGRKRKMRSKK
;
A,D
2 'polydeoxyribonucleotide'
;(DT)(DT)(DA)(DG)(DC)(DG)(DC)(DC)(DA)(DC)(DC)(DT)(DG)(DC)(DT)(DG)(DG)(DT)(DT)(DA)
(DA)(DA)(DT)(DG)(DT)(DG)(DG)(DT)(DA)(DC)(DT)(DG)(DC)(DA)(DC)
;
B,E
3 'polydeoxyribonucleotide'
;(DG)(DT)(DG)(DC)(DA)(DG)(DT)(DA)(DC)(DC)(DA)(DC)(DA)(DT)(DT)(DT)(DA)(DA)(DC)(DC)
(DA)(DG)(DC)(DA)(DG)(DG)(DT)(DG)(DG)(DC)(DG)(DC)(DT)(DA)(DA)
;
C,F
#
loop_
_chem_comp.id
_chem_comp.type
_chem_comp.name
_chem_comp.formula
DA DNA linking 2'-DEOXYADENOSINE-5'-MONOPHOSPHATE 'C10 H14 N5 O6 P'
DC DNA linking 2'-DEOXYCYTIDINE-5'-MONOPHOSPHATE 'C9 H14 N3 O7 P'
DG DNA linking 2'-DEOXYGUANOSINE-5'-MONOPHOSPHATE 'C10 H14 N5 O7 P'
DT DNA linking THYMIDINE-5'-MONOPHOSPHATE 'C10 H15 N2 O8 P'
NA non-polymer 'SODIUM ION' 'Na 1'
ZN non-polymer 'ZINC ION' 'Zn 2'
#
# COMPACT_ATOMS: atom_id res chain seq x y z
N THR A 1 -52.63 -32.20 -32.86
CA THR A 1 -52.34 -32.05 -31.44
C THR A 1 -51.53 -33.24 -30.92
N ARG A 2 -50.22 -33.19 -31.13
CA ARG A 2 -49.28 -34.23 -30.71
C ARG A 2 -49.66 -35.60 -31.24
N PRO A 3 -49.61 -35.83 -32.55
CA PRO A 3 -49.88 -37.19 -33.07
C PRO A 3 -48.92 -38.24 -32.54
N HIS A 4 -47.67 -37.89 -32.29
CA HIS A 4 -46.66 -38.84 -31.85
C HIS A 4 -46.41 -38.71 -30.35
N LYS A 5 -46.07 -39.84 -29.72
CA LYS A 5 -45.76 -39.87 -28.30
C LYS A 5 -44.54 -40.76 -28.07
N CYS A 6 -43.77 -40.44 -27.04
CA CYS A 6 -42.62 -41.24 -26.67
C CYS A 6 -43.06 -42.42 -25.83
N PRO A 7 -42.74 -43.66 -26.21
CA PRO A 7 -43.22 -44.80 -25.42
C PRO A 7 -42.55 -44.94 -24.07
N ASP A 8 -41.30 -44.50 -23.93
CA ASP A 8 -40.53 -44.72 -22.70
C ASP A 8 -40.64 -43.57 -21.71
N CYS A 9 -41.33 -42.48 -22.06
CA CYS A 9 -41.45 -41.33 -21.17
C CYS A 9 -42.80 -40.68 -21.40
N ASP A 10 -43.00 -39.50 -20.80
CA ASP A 10 -44.27 -38.81 -20.86
C ASP A 10 -44.35 -37.78 -21.99
N MET A 11 -43.27 -37.56 -22.72
CA MET A 11 -43.26 -36.51 -23.73
C MET A 11 -44.05 -36.92 -24.96
N ALA A 12 -44.78 -35.96 -25.53
CA ALA A 12 -45.54 -36.15 -26.76
C ALA A 12 -45.18 -35.02 -27.72
N PHE A 13 -44.89 -35.38 -28.98
CA PHE A 13 -44.41 -34.41 -29.96
C PHE A 13 -45.28 -34.48 -31.22
N VAL A 14 -45.37 -33.35 -31.91
CA VAL A 14 -46.27 -33.23 -33.05
C VAL A 14 -45.77 -34.05 -34.23
N THR A 15 -44.49 -33.89 -34.59
CA THR A 15 -43.95 -34.49 -35.79
C THR A 15 -43.05 -35.67 -35.44
N SER A 16 -42.79 -36.51 -36.46
CA SER A 16 -41.85 -37.60 -36.28
C SER A 16 -40.44 -37.08 -36.03
N GLY A 17 -40.06 -35.99 -36.72
CA GLY A 17 -38.73 -35.43 -36.51
C GLY A 17 -38.54 -34.88 -35.10
N GLU A 18 -39.53 -34.17 -34.58
CA GLU A 18 -39.44 -33.63 -33.23
C GLU A 18 -39.36 -34.75 -32.19
N LEU A 19 -40.19 -35.78 -32.34
CA LEU A 19 -40.15 -36.90 -31.41
C LEU A 19 -38.85 -37.68 -31.51
N VAL A 20 -38.34 -37.84 -32.75
CA VAL A 20 -37.06 -38.53 -32.93
C VAL A 20 -35.94 -37.76 -32.24
N ARG A 21 -35.91 -36.43 -32.44
CA ARG A 21 -34.88 -35.62 -31.80
C ARG A 21 -34.98 -35.68 -30.28
N HIS A 22 -36.21 -35.67 -29.76
CA HIS A 22 -36.41 -35.86 -28.33
C HIS A 22 -35.90 -37.23 -27.89
N ARG A 23 -36.10 -38.25 -28.70
CA ARG A 23 -35.55 -39.57 -28.40
C ARG A 23 -34.02 -39.54 -28.43
N ARG A 24 -33.44 -38.78 -29.36
CA ARG A 24 -31.99 -38.64 -29.39
C ARG A 24 -31.47 -37.98 -28.11
N TYR A 25 -32.18 -36.96 -27.61
CA TYR A 25 -31.74 -36.26 -26.42
C TYR A 25 -31.79 -37.15 -25.18
N LYS A 26 -32.85 -37.95 -25.04
CA LYS A 26 -33.08 -38.67 -23.79
C LYS A 26 -32.95 -40.18 -23.88
N HIS A 27 -33.10 -40.78 -25.06
CA HIS A 27 -33.12 -42.24 -25.14
C HIS A 27 -31.95 -42.81 -25.94
N THR A 28 -31.76 -42.36 -27.19
CA THR A 28 -30.69 -42.93 -28.00
C THR A 28 -29.32 -42.57 -27.43
N HIS A 29 -29.13 -41.32 -27.01
CA HIS A 29 -27.87 -40.85 -26.42
C HIS A 29 -26.69 -41.15 -27.34
N GLU A 30 -26.91 -41.01 -28.64
CA GLU A 30 -25.90 -41.34 -29.63
C GLU A 30 -25.00 -40.14 -29.92
N LYS A 31 -23.81 -40.43 -30.43
CA LYS A 31 -22.83 -39.41 -30.79
C LYS A 31 -22.31 -39.67 -32.21
N PRO A 32 -23.17 -39.53 -33.22
CA PRO A 32 -22.72 -39.77 -34.60
C PRO A 32 -21.68 -38.76 -35.05
N PHE A 33 -21.94 -37.48 -34.78
CA PHE A 33 -21.04 -36.40 -35.17
C PHE A 33 -20.51 -35.72 -33.91
N LYS A 34 -19.19 -35.74 -33.75
CA LYS A 34 -18.50 -35.08 -32.65
C LYS A 34 -17.58 -34.02 -33.22
N CYS A 35 -16.92 -33.28 -32.33
CA CYS A 35 -16.01 -32.24 -32.78
C CYS A 35 -14.70 -32.83 -33.28
N SER A 36 -14.09 -32.14 -34.24
CA SER A 36 -12.79 -32.53 -34.75
C SER A 36 -11.67 -32.19 -33.79
N MET A 37 -11.96 -31.47 -32.70
CA MET A 37 -10.97 -31.07 -31.71
C MET A 37 -10.96 -31.97 -30.48
N CYS A 38 -12.12 -32.40 -30.02
CA CYS A 38 -12.24 -33.17 -28.79
C CYS A 38 -13.29 -34.26 -28.99
N ASP A 39 -13.75 -34.85 -27.89
CA ASP A 39 -14.72 -35.93 -27.92
C ASP A 39 -16.17 -35.46 -27.76
N TYR A 40 -16.39 -34.16 -27.60
CA TYR A 40 -17.75 -33.65 -27.40
C TYR A 40 -18.58 -33.85 -28.66
N ALA A 41 -19.85 -34.24 -28.47
CA ALA A 41 -20.76 -34.47 -29.57
C ALA A 41 -22.11 -33.83 -29.25
N SER A 42 -22.98 -33.79 -30.26
CA SER A 42 -24.26 -33.11 -30.14
C SER A 42 -25.32 -33.87 -30.94
N VAL A 43 -26.57 -33.47 -30.74
CA VAL A 43 -27.70 -34.04 -31.46
C VAL A 43 -28.10 -33.18 -32.66
N GLU A 44 -28.05 -31.86 -32.49
CA GLU A 44 -28.38 -30.94 -33.57
C GLU A 44 -27.10 -30.34 -34.15
N VAL A 45 -27.16 -30.01 -35.44
CA VAL A 45 -25.97 -29.51 -36.13
C VAL A 45 -25.56 -28.14 -35.59
N SER A 46 -26.54 -27.31 -35.23
CA SER A 46 -26.23 -25.97 -34.73
C SER A 46 -25.43 -26.03 -33.43
N LYS A 47 -25.65 -27.05 -32.61
CA LYS A 47 -24.86 -27.20 -31.39
C LYS A 47 -23.39 -27.46 -31.72
N LEU A 48 -23.13 -28.30 -32.74
CA LEU A 48 -21.77 -28.51 -33.18
C LEU A 48 -21.19 -27.26 -33.82
N LYS A 49 -22.03 -26.46 -34.49
CA LYS A 49 -21.57 -25.20 -35.06
C LYS A 49 -21.03 -24.28 -33.99
N ARG A 50 -21.80 -24.06 -32.92
CA ARG A 50 -21.38 -23.13 -31.87
C ARG A 50 -20.19 -23.68 -31.09
N HIS A 51 -20.10 -25.00 -30.96
CA HIS A 51 -18.92 -25.58 -30.32
C HIS A 51 -17.67 -25.33 -31.15
N ILE A 52 -17.76 -25.48 -32.47
CA ILE A 52 -16.63 -25.18 -33.34
C ILE A 52 -16.30 -23.69 -33.30
N ARG A 53 -17.33 -22.84 -33.23
CA ARG A 53 -17.09 -21.40 -33.10
C ARG A 53 -16.36 -21.07 -31.81
N SER A 54 -16.73 -21.73 -30.71
CA SER A 54 -16.01 -21.53 -29.46
C SER A 54 -14.57 -22.00 -29.57
N HIS A 55 -14.35 -23.11 -30.29
CA HIS A 55 -12.99 -23.57 -30.54
C HIS A 55 -12.18 -22.55 -31.33
N THR A 56 -12.81 -21.92 -32.33
CA THR A 56 -12.11 -21.00 -33.22
C THR A 56 -12.20 -19.55 -32.75
N GLY A 57 -13.39 -19.11 -32.31
CA GLY A 57 -13.55 -17.74 -31.88
C GLY A 57 -14.17 -16.81 -32.92
N GLU A 58 -15.27 -17.25 -33.52
CA GLU A 58 -15.97 -16.47 -34.53
C GLU A 58 -17.21 -15.83 -33.91
N ARG A 59 -17.40 -14.54 -34.19
CA ARG A 59 -18.53 -13.78 -33.64
C ARG A 59 -19.36 -13.21 -34.79
N PRO A 60 -20.43 -13.90 -35.22
CA PRO A 60 -21.20 -13.44 -36.38
C PRO A 60 -21.89 -12.10 -36.22
N PHE A 61 -22.72 -11.97 -35.18
CA PHE A 61 -23.62 -10.83 -35.05
C PHE A 61 -23.07 -9.81 -34.06
N GLN A 62 -23.10 -8.54 -34.45
CA GLN A 62 -22.59 -7.44 -33.64
C GLN A 62 -23.75 -6.63 -33.08
N CYS A 63 -23.55 -6.09 -31.87
CA CYS A 63 -24.55 -5.25 -31.25
C CYS A 63 -24.74 -3.96 -32.05
N SER A 64 -25.99 -3.50 -32.13
CA SER A 64 -26.29 -2.29 -32.90
C SER A 64 -25.76 -1.04 -32.18
N LEU A 65 -25.88 -1.00 -30.86
CA LEU A 65 -25.58 0.21 -30.10
C LEU A 65 -24.19 0.21 -29.46
N CYS A 66 -23.55 -0.95 -29.33
CA CYS A 66 -22.26 -1.07 -28.67
C CYS A 66 -21.28 -1.78 -29.60
N SER A 67 -20.10 -2.09 -29.06
CA SER A 67 -19.03 -2.74 -29.79
C SER A 67 -18.89 -4.22 -29.42
N TYR A 68 -19.98 -4.87 -29.06
CA TYR A 68 -19.97 -6.27 -28.66
C TYR A 68 -20.51 -7.14 -29.81
N ALA A 69 -19.75 -8.16 -30.17
CA ALA A 69 -20.16 -9.12 -31.17
C ALA A 69 -20.33 -10.49 -30.50
N SER A 70 -21.50 -11.09 -30.69
CA SER A 70 -21.84 -12.33 -30.02
C SER A 70 -21.69 -13.52 -30.97
N ARG A 71 -21.32 -14.66 -30.43
CA ARG A 71 -21.25 -15.89 -31.19
C ARG A 71 -22.63 -16.48 -31.48
N ASP A 72 -23.67 -16.05 -30.76
CA ASP A 72 -25.02 -16.55 -30.94
C ASP A 72 -26.00 -15.40 -30.84
N THR A 73 -27.16 -15.59 -31.47
CA THR A 73 -28.19 -14.54 -31.46
C THR A 73 -28.76 -14.33 -30.06
N TYR A 74 -28.92 -15.41 -29.29
CA TYR A 74 -29.46 -15.28 -27.94
C TYR A 74 -28.51 -14.49 -27.05
N LYS A 75 -27.20 -14.65 -27.26
CA LYS A 75 -26.23 -13.84 -26.51
C LYS A 75 -26.43 -12.36 -26.79
N LEU A 76 -26.64 -12.01 -28.06
CA LEU A 76 -26.88 -10.61 -28.41
C LEU A 76 -28.20 -10.12 -27.83
N LYS A 77 -29.24 -10.97 -27.87
CA LYS A 77 -30.53 -10.57 -27.31
C LYS A 77 -30.44 -10.31 -25.82
N ARG A 78 -29.71 -11.17 -25.09
CA ARG A 78 -29.49 -10.94 -23.66
C ARG A 78 -28.64 -9.70 -23.43
N HIS A 79 -27.64 -9.47 -24.29
CA HIS A 79 -26.81 -8.28 -24.15
C HIS A 79 -27.62 -7.00 -24.35
N MET A 80 -28.61 -7.04 -25.23
CA MET A 80 -29.44 -5.87 -25.48
C MET A 80 -30.17 -5.38 -24.23
N ARG A 81 -30.37 -6.27 -23.25
CA ARG A 81 -30.98 -5.84 -21.99
C ARG A 81 -30.10 -4.84 -21.25
N THR A 82 -28.79 -4.82 -21.52
CA THR A 82 -27.93 -3.82 -20.91
C THR A 82 -28.32 -2.42 -21.35
N HIS A 83 -28.58 -2.23 -22.63
CA HIS A 83 -28.98 -0.92 -23.13
C HIS A 83 -30.43 -0.60 -22.81
N SER A 84 -31.31 -1.60 -22.90
CA SER A 84 -32.74 -1.37 -22.73
C SER A 84 -33.21 -1.48 -21.29
N GLY A 85 -32.43 -2.11 -20.42
CA GLY A 85 -32.92 -2.40 -19.08
C GLY A 85 -33.87 -3.57 -19.11
N GLU A 86 -35.15 -3.31 -18.82
CA GLU A 86 -36.24 -4.28 -19.00
C GLU A 86 -35.92 -5.61 -18.32
N LYS A 87 -35.82 -5.56 -17.00
CA LYS A 87 -35.59 -6.76 -16.21
C LYS A 87 -36.80 -7.68 -16.28
N PRO A 88 -36.73 -8.81 -16.99
CA PRO A 88 -37.93 -9.65 -17.16
C PRO A 88 -38.38 -10.33 -15.87
N TYR A 89 -37.44 -11.01 -15.21
CA TYR A 89 -37.76 -11.88 -14.09
C TYR A 89 -38.04 -11.06 -12.84
N GLU A 90 -39.02 -11.52 -12.05
CA GLU A 90 -39.43 -10.83 -10.83
C GLU A 90 -39.50 -11.83 -9.68
N CYS A 91 -38.91 -11.46 -8.54
CA CYS A 91 -39.02 -12.28 -7.35
C CYS A 91 -40.46 -12.28 -6.83
N TYR A 92 -40.89 -13.42 -6.32
CA TYR A 92 -42.27 -13.57 -5.84
C TYR A 92 -42.43 -13.17 -4.38
N ILE A 93 -41.34 -12.79 -3.70
CA ILE A 93 -41.38 -12.40 -2.28
C ILE A 93 -41.13 -10.90 -2.13
N CYS A 94 -39.94 -10.43 -2.52
CA CYS A 94 -39.60 -9.02 -2.42
C CYS A 94 -39.95 -8.23 -3.67
N HIS A 95 -40.44 -8.90 -4.72
CA HIS A 95 -40.88 -8.26 -5.96
C HIS A 95 -39.75 -7.46 -6.62
N ALA A 96 -38.52 -7.93 -6.46
CA ALA A 96 -37.38 -7.32 -7.14
C ALA A 96 -37.23 -7.92 -8.53
N ARG A 97 -36.80 -7.09 -9.47
CA ARG A 97 -36.70 -7.47 -10.88
C ARG A 97 -35.24 -7.65 -11.27
N PHE A 98 -34.98 -8.65 -12.12
CA PHE A 98 -33.63 -9.01 -12.48
C PHE A 98 -33.53 -9.27 -13.98
N THR A 99 -32.36 -9.00 -14.54
CA THR A 99 -32.17 -9.14 -15.99
C THR A 99 -32.02 -10.59 -16.42
N GLN A 100 -31.49 -11.45 -15.56
CA GLN A 100 -31.25 -12.85 -15.91
C GLN A 100 -31.92 -13.76 -14.90
N SER A 101 -32.30 -14.95 -15.36
CA SER A 101 -32.98 -15.91 -14.49
C SER A 101 -32.07 -16.39 -13.37
N GLY A 102 -30.80 -16.66 -13.68
CA GLY A 102 -29.87 -17.08 -12.64
C GLY A 102 -29.68 -16.04 -11.55
N THR A 103 -29.73 -14.76 -11.92
CA THR A 103 -29.65 -13.70 -10.92
C THR A 103 -30.82 -13.78 -9.95
N MET A 104 -32.03 -13.97 -10.46
CA MET A 104 -33.19 -14.08 -9.59
C MET A 104 -33.11 -15.33 -8.73
N LYS A 105 -32.66 -16.45 -9.30
CA LYS A 105 -32.53 -17.69 -8.53
C LYS A 105 -31.56 -17.52 -7.38
N MET A 106 -30.40 -16.92 -7.65
CA MET A 106 -29.42 -16.71 -6.60
C MET A 106 -29.94 -15.72 -5.55
N HIS A 107 -30.66 -14.69 -5.99
CA HIS A 107 -31.21 -13.72 -5.05
C HIS A 107 -32.20 -14.39 -4.10
N ILE A 108 -33.11 -15.21 -4.64
CA ILE A 108 -34.10 -15.88 -3.81
C ILE A 108 -33.42 -16.85 -2.85
N LEU A 109 -32.42 -17.58 -3.33
CA LEU A 109 -31.73 -18.55 -2.48
C LEU A 109 -31.00 -17.88 -1.33
N GLN A 110 -30.32 -16.76 -1.61
CA GLN A 110 -29.45 -16.12 -0.63
C GLN A 110 -30.10 -14.97 0.12
N LYS A 111 -31.36 -14.64 -0.18
CA LYS A 111 -32.05 -13.54 0.50
C LYS A 111 -33.34 -13.93 1.18
N HIS A 112 -33.93 -15.09 0.84
CA HIS A 112 -35.23 -15.49 1.37
C HIS A 112 -35.24 -16.94 1.84
N THR A 113 -34.07 -17.54 2.03
CA THR A 113 -33.97 -18.90 2.54
C THR A 113 -32.95 -18.93 3.67
N GLU A 114 -33.27 -19.68 4.73
CA GLU A 114 -32.43 -19.71 5.91
C GLU A 114 -31.34 -20.79 5.82
N ASN A 115 -31.73 -22.04 5.67
CA ASN A 115 -30.79 -23.16 5.65
C ASN A 115 -30.34 -23.37 4.21
N VAL A 116 -29.17 -22.85 3.88
CA VAL A 116 -28.57 -22.98 2.55
C VAL A 116 -27.16 -23.54 2.72
N ALA A 117 -26.84 -24.57 1.95
CA ALA A 117 -25.50 -25.15 2.01
C ALA A 117 -24.46 -24.13 1.56
N LYS A 118 -23.33 -24.10 2.26
CA LYS A 118 -22.25 -23.16 1.99
C LYS A 118 -20.95 -23.89 1.73
N PHE A 119 -20.01 -23.18 1.11
CA PHE A 119 -18.71 -23.74 0.78
C PHE A 119 -17.70 -23.44 1.89
N HIS A 120 -16.77 -24.37 2.07
CA HIS A 120 -15.72 -24.25 3.08
C HIS A 120 -14.37 -24.10 2.39
N CYS A 121 -13.55 -23.19 2.90
CA CYS A 121 -12.23 -22.97 2.34
C CYS A 121 -11.37 -24.21 2.56
N PRO A 122 -10.75 -24.76 1.51
CA PRO A 122 -9.88 -25.93 1.71
C PRO A 122 -8.62 -25.63 2.51
N HIS A 123 -8.23 -24.36 2.64
CA HIS A 123 -7.00 -24.00 3.32
C HIS A 123 -7.20 -23.22 4.61
N CYS A 124 -8.34 -22.55 4.79
CA CYS A 124 -8.64 -21.83 6.01
C CYS A 124 -10.02 -22.24 6.51
N ASP A 125 -10.42 -21.67 7.65
CA ASP A 125 -11.66 -22.04 8.32
C ASP A 125 -12.85 -21.18 7.91
N THR A 126 -12.65 -20.22 7.00
CA THR A 126 -13.74 -19.34 6.60
C THR A 126 -14.81 -20.10 5.83
N VAL A 127 -16.06 -19.68 6.01
CA VAL A 127 -17.21 -20.27 5.35
C VAL A 127 -17.90 -19.21 4.50
N ILE A 128 -18.09 -19.52 3.22
CA ILE A 128 -18.67 -18.57 2.26
C ILE A 128 -19.86 -19.22 1.58
N ALA A 129 -20.79 -18.38 1.12
CA ALA A 129 -22.04 -18.86 0.53
C ALA A 129 -21.92 -19.15 -0.96
N ARG A 130 -21.33 -18.24 -1.71
CA ARG A 130 -21.22 -18.36 -3.16
C ARG A 130 -19.86 -18.93 -3.56
N LYS A 131 -19.88 -19.81 -4.56
CA LYS A 131 -18.62 -20.38 -5.05
C LYS A 131 -17.75 -19.35 -5.74
N SER A 132 -18.37 -18.35 -6.38
CA SER A 132 -17.60 -17.25 -6.95
C SER A 132 -16.87 -16.47 -5.86
N ASP A 133 -17.56 -16.22 -4.74
CA ASP A 133 -16.92 -15.55 -3.61
C ASP A 133 -15.81 -16.41 -3.03
N LEU A 134 -16.01 -17.73 -3.00
CA LEU A 134 -14.94 -18.62 -2.56
C LEU A 134 -13.73 -18.53 -3.48
N GLY A 135 -13.97 -18.46 -4.80
CA GLY A 135 -12.87 -18.30 -5.73
C GLY A 135 -12.11 -17.01 -5.52
N VAL A 136 -12.83 -15.92 -5.24
CA VAL A 136 -12.18 -14.65 -4.94
C VAL A 136 -11.34 -14.77 -3.66
N HIS A 137 -11.91 -15.42 -2.64
CA HIS A 137 -11.17 -15.61 -1.39
C HIS A 137 -9.91 -16.42 -1.62
N LEU A 138 -9.99 -17.50 -2.40
CA LEU A 138 -8.82 -18.30 -2.71
C LEU A 138 -7.80 -17.49 -3.50
N ARG A 139 -8.26 -16.72 -4.48
CA ARG A 139 -7.35 -15.98 -5.35
C ARG A 139 -6.70 -14.80 -4.64
N LYS A 140 -7.29 -14.29 -3.57
CA LYS A 140 -6.71 -13.18 -2.82
C LYS A 140 -5.92 -13.67 -1.60
N GLN A 141 -6.58 -14.39 -0.70
CA GLN A 141 -5.92 -14.81 0.54
C GLN A 141 -4.91 -15.92 0.29
N HIS A 142 -5.30 -16.94 -0.48
CA HIS A 142 -4.53 -18.16 -0.60
C HIS A 142 -3.60 -18.18 -1.81
N SER A 143 -3.49 -17.08 -2.55
CA SER A 143 -2.61 -17.04 -3.71
C SER A 143 -1.15 -17.04 -3.27
N TYR A 144 -0.30 -17.58 -4.13
CA TYR A 144 1.13 -17.68 -3.87
C TYR A 144 1.86 -16.48 -4.47
N ILE A 145 2.86 -15.98 -3.73
CA ILE A 145 3.66 -14.83 -4.15
C ILE A 145 5.11 -15.28 -4.26
N GLU A 146 5.70 -15.06 -5.45
CA GLU A 146 7.09 -15.44 -5.65
C GLU A 146 8.04 -14.52 -4.89
N GLN A 147 7.75 -13.22 -4.89
CA GLN A 147 8.62 -12.24 -4.24
C GLN A 147 8.40 -12.16 -2.74
N GLY A 148 7.32 -12.73 -2.23
CA GLY A 148 7.06 -12.71 -0.80
C GLY A 148 6.55 -11.37 -0.31
N LYS A 149 6.23 -11.35 0.98
CA LYS A 149 5.74 -10.13 1.63
C LYS A 149 6.18 -10.16 3.08
N LYS A 150 7.03 -9.22 3.46
CA LYS A 150 7.57 -9.18 4.82
C LYS A 150 6.47 -8.83 5.83
N CYS A 151 6.62 -9.37 7.03
CA CYS A 151 5.73 -9.00 8.13
C CYS A 151 5.89 -7.51 8.43
N ARG A 152 4.78 -6.89 8.82
CA ARG A 152 4.80 -5.45 9.09
C ARG A 152 5.65 -5.12 10.31
N TYR A 153 5.72 -6.03 11.29
CA TYR A 153 6.33 -5.73 12.58
C TYR A 153 7.50 -6.64 12.92
N CYS A 154 7.97 -7.46 11.98
CA CYS A 154 9.12 -8.32 12.22
C CYS A 154 9.74 -8.66 10.87
N ASP A 155 10.83 -9.44 10.92
CA ASP A 155 11.56 -9.83 9.71
C ASP A 155 11.05 -11.14 9.12
N ALA A 156 9.80 -11.52 9.41
CA ALA A 156 9.23 -12.73 8.85
C ALA A 156 8.70 -12.46 7.45
N VAL A 157 8.97 -13.39 6.54
CA VAL A 157 8.56 -13.28 5.14
C VAL A 157 7.58 -14.40 4.84
N PHE A 158 6.44 -14.05 4.23
CA PHE A 158 5.41 -15.01 3.88
C PHE A 158 5.08 -14.90 2.40
N HIS A 159 4.49 -15.96 1.87
CA HIS A 159 4.08 -16.01 0.48
C HIS A 159 2.57 -16.14 0.28
N GLU A 160 1.82 -16.45 1.34
CA GLU A 160 0.37 -16.50 1.31
C GLU A 160 -0.18 -15.42 2.22
N ARG A 161 -1.12 -14.62 1.72
CA ARG A 161 -1.62 -13.49 2.50
C ARG A 161 -2.29 -13.95 3.79
N TYR A 162 -3.00 -15.09 3.74
CA TYR A 162 -3.65 -15.58 4.95
C TYR A 162 -2.64 -15.87 6.04
N ALA A 163 -1.51 -16.48 5.69
CA ALA A 163 -0.45 -16.71 6.67
C ALA A 163 0.10 -15.39 7.21
N LEU A 164 0.29 -14.41 6.33
CA LEU A 164 0.80 -13.12 6.77
C LEU A 164 -0.15 -12.43 7.74
N ILE A 165 -1.45 -12.46 7.43
CA ILE A 165 -2.43 -11.83 8.31
C ILE A 165 -2.49 -12.57 9.65
N GLN A 166 -2.43 -13.90 9.62
CA GLN A 166 -2.47 -14.66 10.87
C GLN A 166 -1.26 -14.36 11.73
N HIS A 167 -0.08 -14.21 11.11
CA HIS A 167 1.11 -13.82 11.86
C HIS A 167 0.96 -12.43 12.43
N GLN A 168 0.48 -11.48 11.63
CA GLN A 168 0.37 -10.10 12.08
C GLN A 168 -0.68 -9.94 13.17
N LYS A 169 -1.64 -10.85 13.26
CA LYS A 169 -2.61 -10.80 14.35
C LYS A 169 -2.00 -11.14 15.69
N SER A 170 -0.78 -11.70 15.72
CA SER A 170 -0.10 -12.02 16.97
C SER A 170 0.66 -10.82 17.54
N HIS A 171 0.67 -9.69 16.85
CA HIS A 171 1.38 -8.49 17.29
C HIS A 171 0.43 -7.40 17.77
N LYS A 172 -0.81 -7.75 18.10
CA LYS A 172 -1.81 -6.77 18.51
C LYS A 172 -1.85 -6.55 20.01
N ASN A 173 -1.03 -7.26 20.78
CA ASN A 173 -0.88 -7.05 22.21
C ASN A 173 0.58 -6.78 22.57
N GLU A 174 1.23 -5.94 21.77
CA GLU A 174 2.66 -5.70 21.90
C GLU A 174 2.93 -4.20 21.92
N LYS A 175 3.93 -3.80 22.71
CA LYS A 175 4.36 -2.41 22.80
C LYS A 175 5.63 -2.26 21.98
N ARG A 176 5.47 -1.89 20.70
CA ARG A 176 6.60 -1.77 19.81
C ARG A 176 7.55 -0.66 20.26
N PHE A 177 6.99 0.50 20.65
CA PHE A 177 7.83 1.63 21.05
C PHE A 177 8.50 1.34 22.38
N LYS A 178 9.82 1.54 22.42
CA LYS A 178 10.61 1.31 23.63
C LYS A 178 11.57 2.48 23.81
N CYS A 179 11.60 3.03 25.03
CA CYS A 179 12.50 4.14 25.31
C CYS A 179 13.94 3.66 25.34
N ASP A 180 14.84 4.49 24.80
CA ASP A 180 16.25 4.14 24.74
C ASP A 180 17.00 4.44 26.04
N GLN A 181 16.35 5.06 27.02
CA GLN A 181 16.98 5.39 28.28
C GLN A 181 16.46 4.58 29.46
N CYS A 182 15.37 3.84 29.29
CA CYS A 182 14.79 3.05 30.38
C CYS A 182 14.06 1.85 29.78
N ASP A 183 13.31 1.16 30.62
CA ASP A 183 12.57 -0.04 30.21
C ASP A 183 11.14 0.26 29.83
N TYR A 184 10.73 1.53 29.82
CA TYR A 184 9.34 1.86 29.51
C TYR A 184 9.01 1.54 28.06
N ALA A 185 7.81 0.99 27.86
CA ALA A 185 7.31 0.67 26.53
C ALA A 185 5.84 1.06 26.45
N CYS A 186 5.40 1.33 25.22
CA CYS A 186 4.02 1.74 24.98
C CYS A 186 3.61 1.33 23.57
N ARG A 187 2.32 1.48 23.28
CA ARG A 187 1.76 1.06 22.00
C ARG A 187 1.55 2.20 21.02
N GLN A 188 1.41 3.43 21.51
CA GLN A 188 1.20 4.59 20.66
C GLN A 188 2.40 5.53 20.74
N GLU A 189 2.72 6.17 19.61
CA GLU A 189 3.92 7.00 19.53
C GLU A 189 3.83 8.21 20.45
N ARG A 190 2.63 8.73 20.69
CA ARG A 190 2.49 9.91 21.53
C ARG A 190 2.96 9.64 22.96
N HIS A 191 2.67 8.44 23.47
CA HIS A 191 3.12 8.10 24.83
C HIS A 191 4.65 8.06 24.90
N MET A 192 5.29 7.50 23.88
CA MET A 192 6.75 7.48 23.85
C MET A 192 7.33 8.89 23.77
N ILE A 193 6.69 9.76 22.98
CA ILE A 193 7.15 11.15 22.88
C ILE A 193 7.04 11.85 24.23
N MET A 194 5.92 11.63 24.94
CA MET A 194 5.77 12.22 26.26
C MET A 194 6.83 11.70 27.23
N HIS A 195 7.11 10.40 27.18
CA HIS A 195 8.10 9.82 28.08
C HIS A 195 9.49 10.39 27.80
N LYS A 196 9.85 10.55 26.53
CA LYS A 196 11.15 11.13 26.20
C LYS A 196 11.21 12.60 26.60
N ARG A 197 10.09 13.32 26.49
CA ARG A 197 10.05 14.69 26.98
C ARG A 197 10.30 14.76 28.47
N THR A 198 9.70 13.84 29.24
CA THR A 198 9.95 13.78 30.67
C THR A 198 11.41 13.44 30.96
N HIS A 199 11.99 12.52 30.18
CA HIS A 199 13.39 12.16 30.36
C HIS A 199 14.31 13.36 30.13
N THR A 200 14.06 14.12 29.05
CA THR A 200 14.88 15.27 28.74
C THR A 200 14.49 16.53 29.51
N GLY A 201 13.35 16.52 30.19
CA GLY A 201 12.90 17.68 30.93
C GLY A 201 12.34 18.80 30.09
N GLU A 202 12.12 18.57 28.79
CA GLU A 202 11.58 19.60 27.92
C GLU A 202 10.12 19.86 28.23
N LYS A 203 9.73 21.14 28.19
CA LYS A 203 8.36 21.57 28.42
C LYS A 203 7.93 22.42 27.24
N PRO A 204 7.64 21.80 26.09
CA PRO A 204 7.27 22.59 24.90
C PRO A 204 6.04 23.43 25.08
N TYR A 205 5.09 22.99 25.90
CA TYR A 205 3.83 23.69 26.07
C TYR A 205 3.98 24.80 27.10
N ALA A 206 3.47 25.99 26.77
CA ALA A 206 3.62 27.16 27.62
C ALA A 206 2.28 27.85 27.84
N CYS A 207 2.05 28.32 29.05
CA CYS A 207 0.84 29.06 29.37
C CYS A 207 0.90 30.44 28.73
N SER A 208 -0.25 30.91 28.23
CA SER A 208 -0.33 32.20 27.55
C SER A 208 -0.66 33.35 28.49
N HIS A 209 -0.92 33.09 29.77
CA HIS A 209 -1.22 34.13 30.73
C HIS A 209 -0.34 34.05 31.98
N CYS A 210 0.72 33.25 31.96
CA CYS A 210 1.63 33.11 33.09
C CYS A 210 2.97 32.60 32.57
N ASP A 211 3.90 32.40 33.49
CA ASP A 211 5.24 31.95 33.15
C ASP A 211 5.41 30.44 33.25
N LYS A 212 4.32 29.71 33.51
CA LYS A 212 4.41 28.27 33.70
C LYS A 212 4.41 27.53 32.37
N THR A 213 5.18 26.45 32.30
CA THR A 213 5.26 25.61 31.11
C THR A 213 4.99 24.17 31.50
N PHE A 214 4.55 23.38 30.51
CA PHE A 214 4.12 22.01 30.74
C PHE A 214 4.69 21.09 29.68
N ARG A 215 4.78 19.81 30.02
CA ARG A 215 5.27 18.78 29.12
C ARG A 215 4.15 18.10 28.32
N GLN A 216 2.89 18.36 28.67
CA GLN A 216 1.76 17.75 27.98
C GLN A 216 0.69 18.79 27.71
N LYS A 217 -0.11 18.55 26.67
CA LYS A 217 -1.17 19.48 26.31
C LYS A 217 -2.32 19.42 27.32
N GLN A 218 -2.64 18.22 27.81
CA GLN A 218 -3.73 18.09 28.77
C GLN A 218 -3.42 18.81 30.08
N LEU A 219 -2.15 18.77 30.51
CA LEU A 219 -1.77 19.45 31.75
C LEU A 219 -1.94 20.95 31.62
N LEU A 220 -1.55 21.53 30.48
CA LEU A 220 -1.74 22.96 30.28
C LEU A 220 -3.23 23.32 30.24
N ASP A 221 -4.04 22.47 29.61
CA ASP A 221 -5.47 22.72 29.53
C ASP A 221 -6.09 22.73 30.92
N MET A 222 -5.71 21.77 31.76
CA MET A 222 -6.26 21.71 33.11
C MET A 222 -5.83 22.91 33.95
N HIS A 223 -4.56 23.32 33.82
CA HIS A 223 -4.08 24.49 34.57
C HIS A 223 -4.82 25.75 34.12
N PHE A 224 -5.04 25.91 32.82
CA PHE A 224 -5.79 27.06 32.33
C PHE A 224 -7.23 27.03 32.84
N LYS A 225 -7.87 25.86 32.81
CA LYS A 225 -9.24 25.74 33.28
C LYS A 225 -9.36 25.92 34.78
N ARG A 226 -8.27 25.75 35.53
CA ARG A 226 -8.31 25.93 36.99
C ARG A 226 -7.96 27.36 37.39
N TYR A 227 -6.77 27.83 37.00
CA TYR A 227 -6.24 29.10 37.47
C TYR A 227 -6.51 30.26 36.52
N HIS A 228 -7.31 30.05 35.47
CA HIS A 228 -7.64 31.14 34.57
C HIS A 228 -9.12 31.15 34.18
N ASP A 229 -9.97 30.41 34.90
CA ASP A 229 -11.41 30.36 34.65
C ASP A 229 -12.13 30.78 35.92
N PRO A 230 -12.49 32.06 36.06
CA PRO A 230 -13.13 32.51 37.31
C PRO A 230 -14.45 31.82 37.62
N ASN A 231 -15.23 31.45 36.60
CA ASN A 231 -16.55 30.85 36.79
C ASN A 231 -16.48 29.34 36.98
N PHE A 232 -15.33 28.80 37.38
CA PHE A 232 -15.15 27.36 37.56
C PHE A 232 -15.15 27.02 39.04
N VAL A 233 -15.88 25.97 39.40
CA VAL A 233 -15.90 25.45 40.77
C VAL A 233 -15.55 23.97 40.72
N PRO A 234 -14.55 23.52 41.49
CA PRO A 234 -14.19 22.09 41.47
C PRO A 234 -15.32 21.22 42.01
N ALA A 235 -15.39 20.00 41.50
CA ALA A 235 -16.40 19.05 41.94
C ALA A 235 -16.02 18.45 43.28
N ALA A 236 -16.92 18.55 44.25
CA ALA A 236 -16.69 18.05 45.60
C ALA A 236 -17.72 16.96 45.90
N PHE A 237 -17.23 15.80 46.34
CA PHE A 237 -18.07 14.67 46.70
C PHE A 237 -18.11 14.55 48.22
N VAL A 238 -19.31 14.47 48.78
CA VAL A 238 -19.53 14.51 50.21
C VAL A 238 -19.89 13.10 50.69
N CYS A 239 -19.24 12.66 51.77
CA CYS A 239 -19.54 11.37 52.36
C CYS A 239 -20.98 11.36 52.88
N SER A 240 -21.68 10.25 52.61
CA SER A 240 -23.08 10.10 53.00
C SER A 240 -23.25 9.61 54.44
N LYS A 241 -22.16 9.30 55.14
CA LYS A 241 -22.24 8.80 56.50
C LYS A 241 -21.68 9.78 57.54
N CYS A 242 -20.77 10.66 57.15
CA CYS A 242 -20.19 11.65 58.06
C CYS A 242 -20.37 13.08 57.57
N GLY A 243 -20.24 13.33 56.27
CA GLY A 243 -20.46 14.64 55.71
C GLY A 243 -19.21 15.41 55.33
N LYS A 244 -18.02 14.89 55.61
CA LYS A 244 -16.81 15.60 55.24
C LYS A 244 -16.60 15.52 53.72
N THR A 245 -15.95 16.55 53.18
CA THR A 245 -15.83 16.74 51.74
C THR A 245 -14.60 16.02 51.18
N PHE A 246 -14.69 15.64 49.92
CA PHE A 246 -13.58 15.03 49.19
C PHE A 246 -13.64 15.48 47.74
N THR A 247 -12.48 15.74 47.16
CA THR A 247 -12.43 16.22 45.77
C THR A 247 -12.53 15.07 44.78
N ARG A 248 -11.54 14.16 44.80
CA ARG A 248 -11.52 13.06 43.85
C ARG A 248 -12.49 11.96 44.27
N ARG A 249 -13.06 11.30 43.26
CA ARG A 249 -14.16 10.37 43.49
C ARG A 249 -13.73 9.15 44.30
N ASN A 250 -12.56 8.59 43.98
CA ASN A 250 -12.16 7.33 44.61
C ASN A 250 -11.92 7.50 46.11
N THR A 251 -11.40 8.66 46.52
CA THR A 251 -11.14 8.90 47.93
C THR A 251 -12.45 8.92 48.73
N MET A 252 -13.51 9.47 48.15
CA MET A 252 -14.79 9.53 48.85
C MET A 252 -15.32 8.13 49.15
N ALA A 253 -15.20 7.21 48.20
CA ALA A 253 -15.56 5.83 48.46
C ALA A 253 -14.62 5.19 49.48
N ARG A 254 -13.33 5.53 49.42
CA ARG A 254 -12.38 4.98 50.39
C ARG A 254 -12.74 5.39 51.82
N HIS A 255 -13.45 6.50 51.99
CA HIS A 255 -13.89 6.93 53.30
C HIS A 255 -15.27 6.40 53.66
N ALA A 256 -16.20 6.40 52.69
CA ALA A 256 -17.57 5.99 52.97
C ALA A 256 -17.66 4.52 53.35
N ASP A 257 -16.85 3.67 52.71
CA ASP A 257 -16.91 2.23 53.01
C ASP A 257 -16.42 1.93 54.43
N ASN A 258 -15.53 2.77 54.97
CA ASN A 258 -14.99 2.56 56.31
C ASN A 258 -15.49 3.59 57.30
N CYS A 259 -16.52 4.36 56.95
CA CYS A 259 -17.02 5.39 57.85
C CYS A 259 -17.93 4.79 58.91
N ALA A 260 -18.25 5.60 59.92
CA ALA A 260 -19.11 5.16 61.01
C ALA A 260 -20.37 6.01 61.08
N LYS D 31 38.58 21.02 44.52
CA LYS D 31 37.21 20.58 44.22
C LYS D 31 36.45 20.25 45.50
N PRO D 32 36.12 21.27 46.29
CA PRO D 32 35.44 21.01 47.56
C PRO D 32 34.01 20.53 47.40
N PHE D 33 33.25 21.12 46.48
CA PHE D 33 31.85 20.79 46.29
C PHE D 33 31.74 19.72 45.22
N LYS D 34 31.29 18.53 45.61
CA LYS D 34 31.20 17.38 44.72
C LYS D 34 29.75 17.07 44.37
N CYS D 35 29.51 16.75 43.11
CA CYS D 35 28.18 16.38 42.67
C CYS D 35 27.76 15.04 43.28
N SER D 36 26.51 14.97 43.72
CA SER D 36 25.97 13.73 44.28
C SER D 36 25.40 12.80 43.23
N MET D 37 24.98 13.32 42.08
CA MET D 37 24.39 12.48 41.05
C MET D 37 25.45 11.82 40.17
N CYS D 38 26.63 12.42 40.04
CA CYS D 38 27.68 11.88 39.20
C CYS D 38 29.03 12.25 39.81
N ASP D 39 30.10 12.13 39.02
CA ASP D 39 31.46 12.35 39.49
C ASP D 39 31.92 13.79 39.32
N TYR D 40 31.02 14.69 38.90
CA TYR D 40 31.40 16.08 38.69
C TYR D 40 31.81 16.74 39.99
N ALA D 41 32.77 17.66 39.89
CA ALA D 41 33.24 18.42 41.05
C ALA D 41 33.72 19.78 40.58
N SER D 42 33.29 20.83 41.27
CA SER D 42 33.64 22.19 40.91
C SER D 42 34.09 22.96 42.15
N VAL D 43 34.91 23.98 41.92
CA VAL D 43 35.43 24.79 43.02
C VAL D 43 34.33 25.62 43.65
N GLU D 44 33.40 26.14 42.84
CA GLU D 44 32.41 27.10 43.28
C GLU D 44 31.02 26.47 43.35
N VAL D 45 30.18 27.04 44.21
CA VAL D 45 28.84 26.51 44.42
C VAL D 45 27.97 26.69 43.18
N SER D 46 28.13 27.82 42.49
CA SER D 46 27.29 28.11 41.34
C SER D 46 27.48 27.09 40.22
N LYS D 47 28.73 26.70 39.97
CA LYS D 47 29.00 25.69 38.95
C LYS D 47 28.36 24.35 39.33
N LEU D 48 28.45 23.98 40.61
CA LEU D 48 27.83 22.73 41.04
C LEU D 48 26.32 22.77 40.88
N LYS D 49 25.69 23.89 41.24
CA LYS D 49 24.24 24.00 41.11
C LYS D 49 23.81 23.91 39.65
N ARG D 50 24.56 24.58 38.75
CA ARG D 50 24.22 24.51 37.34
C ARG D 50 24.42 23.12 36.76
N HIS D 51 25.43 22.38 37.26
CA HIS D 51 25.58 20.99 36.83
C HIS D 51 24.46 20.12 37.36
N ILE D 52 24.03 20.35 38.61
CA ILE D 52 22.92 19.60 39.18
C ILE D 52 21.64 19.84 38.41
N ARG D 53 21.47 21.06 37.87
CA ARG D 53 20.29 21.37 37.06
C ARG D 53 20.15 20.46 35.85
N SER D 54 21.24 19.85 35.39
CA SER D 54 21.16 18.93 34.27
C SER D 54 20.41 17.65 34.63
N HIS D 55 20.57 17.18 35.87
CA HIS D 55 19.99 15.90 36.27
C HIS D 55 18.52 16.03 36.65
N THR D 56 18.17 17.06 37.42
CA THR D 56 16.81 17.23 37.92
C THR D 56 15.85 17.81 36.88
N GLY D 57 16.24 17.84 35.61
CA GLY D 57 15.41 18.46 34.59
C GLY D 57 15.17 19.93 34.86
N GLU D 58 16.18 20.63 35.37
CA GLU D 58 16.06 22.01 35.79
C GLU D 58 16.74 22.91 34.76
N ARG D 59 15.96 23.83 34.19
CA ARG D 59 16.46 24.81 33.22
C ARG D 59 15.97 26.19 33.64
N PRO D 60 16.55 26.75 34.71
CA PRO D 60 16.02 28.02 35.24
C PRO D 60 16.07 29.17 34.25
N PHE D 61 17.07 29.22 33.38
CA PHE D 61 17.20 30.31 32.42
C PHE D 61 16.22 30.08 31.28
N GLN D 62 15.10 30.80 31.33
CA GLN D 62 14.04 30.67 30.34
C GLN D 62 14.08 31.85 29.38
N CYS D 63 14.00 31.55 28.08
CA CYS D 63 13.95 32.60 27.08
C CYS D 63 12.65 33.39 27.18
N SER D 64 12.75 34.71 27.05
CA SER D 64 11.56 35.55 27.10
C SER D 64 10.77 35.50 25.80
N LEU D 65 11.42 35.28 24.67
CA LEU D 65 10.77 35.31 23.37
C LEU D 65 10.28 33.95 22.90
N CYS D 66 10.50 32.89 23.68
CA CYS D 66 10.08 31.55 23.30
C CYS D 66 9.95 30.70 24.55
N SER D 67 9.55 29.45 24.36
CA SER D 67 9.37 28.51 25.46
C SER D 67 10.63 27.74 25.80
N TYR D 68 11.71 27.94 25.06
CA TYR D 68 12.95 27.23 25.34
C TYR D 68 13.55 27.70 26.65
N ALA D 69 14.02 26.75 27.45
CA ALA D 69 14.68 27.02 28.71
C ALA D 69 16.05 26.34 28.71
N SER D 70 17.06 27.05 29.20
CA SER D 70 18.43 26.59 29.17
C SER D 70 18.97 26.39 30.58
N ARG D 71 19.97 25.52 30.69
CA ARG D 71 20.61 25.23 31.96
C ARG D 71 21.85 26.08 32.22
N ASP D 72 22.17 27.01 31.32
CA ASP D 72 23.34 27.85 31.49
C ASP D 72 23.08 29.21 30.87
N THR D 73 23.79 30.22 31.35
CA THR D 73 23.65 31.56 30.80
C THR D 73 24.18 31.64 29.37
N TYR D 74 25.29 30.93 29.09
CA TYR D 74 25.86 30.95 27.75
C TYR D 74 24.90 30.35 26.72
N LYS D 75 24.19 29.28 27.10
CA LYS D 75 23.23 28.67 26.19
C LYS D 75 22.11 29.65 25.84
N LEU D 76 21.60 30.38 26.82
CA LEU D 76 20.54 31.36 26.56
C LEU D 76 21.06 32.52 25.71
N LYS D 77 22.29 32.97 25.98
CA LYS D 77 22.88 34.03 25.17
C LYS D 77 23.02 33.60 23.72
N ARG D 78 23.47 32.37 23.49
CA ARG D 78 23.55 31.85 22.14
C ARG D 78 22.17 31.69 21.51
N HIS D 79 21.18 31.27 22.31
CA HIS D 79 19.83 31.08 21.80
C HIS D 79 19.21 32.40 21.36
N MET D 80 19.52 33.50 22.07
CA MET D 80 18.94 34.79 21.74
C MET D 80 19.34 35.27 20.34
N ARG D 81 20.40 34.71 19.77
CA ARG D 81 20.83 35.12 18.44
C ARG D 81 19.84 34.65 17.36
N THR D 82 19.20 33.49 17.55
CA THR D 82 18.23 33.03 16.58
C THR D 82 16.99 33.91 16.52
N HIS D 83 16.75 34.72 17.56
CA HIS D 83 15.65 35.67 17.54
C HIS D 83 16.10 37.06 17.11
N SER D 84 17.24 37.53 17.63
CA SER D 84 17.77 38.83 17.23
C SER D 84 18.26 38.82 15.78
N GLY D 85 18.81 37.68 15.33
CA GLY D 85 19.36 37.60 13.99
C GLY D 85 20.73 38.20 13.83
N GLU D 86 21.36 38.63 14.91
CA GLU D 86 22.68 39.23 14.82
C GLU D 86 23.73 38.20 14.46
N LYS D 87 24.69 38.60 13.61
CA LYS D 87 25.81 37.76 13.20
C LYS D 87 27.09 38.47 13.56
N PRO D 88 27.60 38.29 14.78
CA PRO D 88 28.81 39.02 15.20
C PRO D 88 30.10 38.45 14.65
N TYR D 89 30.07 37.28 14.01
CA TYR D 89 31.27 36.64 13.49
C TYR D 89 31.30 36.78 11.97
N GLU D 90 32.44 37.24 11.46
CA GLU D 90 32.62 37.44 10.02
C GLU D 90 33.91 36.76 9.58
N CYS D 91 33.82 35.99 8.50
CA CYS D 91 35.01 35.36 7.93
C CYS D 91 35.98 36.43 7.44
N TYR D 92 37.25 36.23 7.72
CA TYR D 92 38.27 37.22 7.40
C TYR D 92 38.79 37.10 5.97
N ILE D 93 38.33 36.11 5.20
CA ILE D 93 38.77 35.91 3.83
C ILE D 93 37.65 36.22 2.84
N CYS D 94 36.52 35.51 2.95
CA CYS D 94 35.39 35.72 2.05
C CYS D 94 34.37 36.72 2.59
N HIS D 95 34.60 37.26 3.78
CA HIS D 95 33.72 38.26 4.39
C HIS D 95 32.28 37.76 4.49
N ALA D 96 32.14 36.50 4.90
CA ALA D 96 30.84 35.90 5.16
C ALA D 96 30.53 35.97 6.65
N ARG D 97 29.27 36.20 6.98
CA ARG D 97 28.84 36.41 8.35
C ARG D 97 28.19 35.14 8.91
N PHE D 98 28.50 34.83 10.17
CA PHE D 98 27.95 33.67 10.84
C PHE D 98 27.52 34.05 12.25
N THR D 99 26.57 33.30 12.78
CA THR D 99 26.07 33.53 14.13
C THR D 99 26.93 32.90 15.22
N GLN D 100 27.85 32.01 14.87
CA GLN D 100 28.70 31.34 15.83
C GLN D 100 30.13 31.28 15.31
N SER D 101 31.07 31.16 16.25
CA SER D 101 32.47 31.03 15.86
C SER D 101 32.78 29.65 15.30
N GLY D 102 32.11 28.61 15.83
CA GLY D 102 32.33 27.27 15.31
C GLY D 102 31.91 27.12 13.86
N THR D 103 30.78 27.73 13.50
CA THR D 103 30.33 27.70 12.11
C THR D 103 31.33 28.40 11.20
N MET D 104 31.88 29.54 11.66
CA MET D 104 32.90 30.23 10.88
C MET D 104 34.15 29.38 10.71
N LYS D 105 34.59 28.72 11.78
CA LYS D 105 35.77 27.87 11.69
C LYS D 105 35.54 26.70 10.74
N MET D 106 34.35 26.10 10.79
CA MET D 106 34.03 25.01 9.88
C MET D 106 34.00 25.50 8.43
N HIS D 107 33.44 26.68 8.21
CA HIS D 107 33.43 27.26 6.86
C HIS D 107 34.85 27.49 6.35
N ILE D 108 35.73 28.00 7.20
CA ILE D 108 37.11 28.24 6.78
C ILE D 108 37.80 26.93 6.44
N LEU D 109 37.60 25.90 7.26
CA LEU D 109 38.25 24.62 7.02
C LEU D 109 37.76 23.97 5.74
N GLN D 110 36.45 24.03 5.47
CA GLN D 110 35.86 23.33 4.34
C GLN D 110 35.86 24.14 3.06
N LYS D 111 36.19 25.43 3.10
CA LYS D 111 36.14 26.27 1.91
C LYS D 111 37.44 26.99 1.60
N HIS D 112 38.33 27.18 2.57
CA HIS D 112 39.57 27.92 2.34
C HIS D 112 40.83 27.10 2.63
N THR D 113 40.69 25.83 3.00
CA THR D 113 41.83 24.93 3.17
C THR D 113 41.70 23.81 2.17
N GLU D 114 42.78 23.54 1.43
CA GLU D 114 42.77 22.52 0.38
C GLU D 114 43.49 21.24 0.75
N ASN D 115 44.44 21.29 1.71
CA ASN D 115 45.07 20.09 2.23
C ASN D 115 44.21 19.49 3.35
N VAL D 116 43.00 19.10 2.96
CA VAL D 116 41.99 18.63 3.89
C VAL D 116 42.02 17.11 3.92
N ALA D 117 42.20 16.54 5.12
CA ALA D 117 42.16 15.09 5.29
C ALA D 117 40.70 14.65 5.35
N LYS D 118 40.34 13.70 4.48
CA LYS D 118 38.97 13.24 4.39
C LYS D 118 38.75 11.99 5.24
N PHE D 119 37.47 11.69 5.48
CA PHE D 119 37.07 10.55 6.27
C PHE D 119 36.63 9.41 5.36
N HIS D 120 37.09 8.20 5.66
CA HIS D 120 36.75 7.01 4.89
C HIS D 120 35.82 6.13 5.71
N CYS D 121 34.78 5.63 5.06
CA CYS D 121 33.82 4.76 5.74
C CYS D 121 34.53 3.47 6.16
N PRO D 122 34.43 3.07 7.43
CA PRO D 122 35.01 1.78 7.84
C PRO D 122 34.39 0.59 7.14
N HIS D 123 33.11 0.64 6.81
CA HIS D 123 32.40 -0.51 6.25
C HIS D 123 32.24 -0.44 4.74
N CYS D 124 32.33 0.74 4.13
CA CYS D 124 32.16 0.90 2.69
C CYS D 124 33.30 1.75 2.15
N ASP D 125 33.30 1.94 0.82
CA ASP D 125 34.35 2.69 0.14
C ASP D 125 34.04 4.17 0.01
N THR D 126 32.87 4.62 0.47
CA THR D 126 32.50 6.02 0.36
C THR D 126 33.43 6.90 1.19
N VAL D 127 33.74 8.08 0.69
CA VAL D 127 34.62 9.04 1.34
C VAL D 127 33.85 10.33 1.58
N ILE D 128 33.85 10.79 2.83
CA ILE D 128 33.08 11.96 3.25
C ILE D 128 34.05 12.98 3.85
N ALA D 129 33.93 14.24 3.44
CA ALA D 129 34.84 15.27 3.93
C ALA D 129 34.64 15.55 5.41
N ARG D 130 33.39 15.76 5.83
CA ARG D 130 33.11 16.09 7.22
C ARG D 130 33.09 14.83 8.08
N LYS D 131 32.76 15.01 9.36
CA LYS D 131 32.61 13.89 10.29
C LYS D 131 31.17 13.66 10.72
N SER D 132 30.40 14.72 10.97
CA SER D 132 28.99 14.56 11.26
C SER D 132 28.24 13.94 10.09
N ASP D 133 28.63 14.32 8.87
CA ASP D 133 28.06 13.70 7.68
C ASP D 133 28.41 12.21 7.62
N LEU D 134 29.63 11.86 8.04
CA LEU D 134 30.00 10.45 8.13
C LEU D 134 29.13 9.72 9.14
N GLY D 135 28.83 10.36 10.28
CA GLY D 135 27.94 9.76 11.24
C GLY D 135 26.54 9.55 10.69
N VAL D 136 26.05 10.51 9.90
CA VAL D 136 24.76 10.35 9.23
C VAL D 136 24.80 9.18 8.26
N HIS D 137 25.89 9.07 7.51
CA HIS D 137 26.04 7.95 6.58
C HIS D 137 26.03 6.62 7.32
N LEU D 138 26.75 6.54 8.45
CA LEU D 138 26.76 5.31 9.23
C LEU D 138 25.37 4.97 9.76
N ARG D 139 24.63 5.98 10.22
CA ARG D 139 23.31 5.74 10.79
C ARG D 139 22.30 5.34 9.73
N LYS D 140 22.41 5.87 8.52
CA LYS D 140 21.44 5.61 7.47
C LYS D 140 21.85 4.48 6.52
N GLN D 141 23.07 3.97 6.62
CA GLN D 141 23.53 2.97 5.65
C GLN D 141 24.07 1.72 6.32
N HIS D 142 24.64 1.85 7.52
CA HIS D 142 25.25 0.73 8.20
C HIS D 142 24.62 0.38 9.54
N SER D 143 23.55 1.07 9.94
CA SER D 143 22.85 0.73 11.17
C SER D 143 22.01 -0.53 10.98
N TYR D 144 21.83 -1.26 12.08
CA TYR D 144 21.06 -2.51 12.06
C TYR D 144 19.59 -2.16 12.24
N ILE D 145 18.82 -2.31 11.16
CA ILE D 145 17.37 -2.11 11.21
C ILE D 145 16.73 -3.43 11.60
N GLU D 146 16.17 -3.49 12.81
CA GLU D 146 15.76 -4.77 13.39
C GLU D 146 14.58 -5.37 12.65
N GLN D 147 13.59 -4.55 12.31
CA GLN D 147 12.42 -5.06 11.59
C GLN D 147 12.78 -5.61 10.22
N GLY D 148 13.88 -5.14 9.63
CA GLY D 148 14.31 -5.61 8.33
C GLY D 148 13.54 -4.98 7.20
N LYS D 149 14.13 -5.05 6.01
CA LYS D 149 13.49 -4.57 4.79
C LYS D 149 13.63 -5.62 3.70
N LYS D 150 12.52 -5.97 3.06
CA LYS D 150 12.53 -6.98 2.02
C LYS D 150 13.10 -6.42 0.73
N CYS D 151 13.85 -7.26 0.01
CA CYS D 151 14.34 -6.88 -1.30
C CYS D 151 13.19 -6.57 -2.24
N ARG D 152 13.35 -5.54 -3.05
CA ARG D 152 12.31 -5.16 -3.99
C ARG D 152 12.06 -6.22 -5.05
N TYR D 153 13.04 -7.10 -5.30
CA TYR D 153 12.97 -8.05 -6.39
C TYR D 153 12.84 -9.50 -5.94
N CYS D 154 13.20 -9.82 -4.70
CA CYS D 154 13.13 -11.20 -4.21
C CYS D 154 12.59 -11.18 -2.78
N ASP D 155 12.57 -12.35 -2.16
CA ASP D 155 12.04 -12.53 -0.81
C ASP D 155 13.08 -12.32 0.28
N ALA D 156 14.33 -12.10 -0.08
CA ALA D 156 15.39 -11.91 0.91
C ALA D 156 15.15 -10.62 1.68
N VAL D 157 15.19 -10.71 3.01
CA VAL D 157 15.03 -9.55 3.89
C VAL D 157 16.37 -9.28 4.54
N PHE D 158 16.86 -8.04 4.39
CA PHE D 158 18.13 -7.63 4.94
C PHE D 158 17.92 -6.76 6.17
N HIS D 159 18.98 -6.64 6.97
CA HIS D 159 18.95 -5.83 8.18
C HIS D 159 19.93 -4.66 8.10
N GLU D 160 20.54 -4.43 6.95
CA GLU D 160 21.40 -3.28 6.73
C GLU D 160 21.06 -2.67 5.37
N ARG D 161 20.91 -1.34 5.35
CA ARG D 161 20.53 -0.67 4.10
C ARG D 161 21.60 -0.86 3.02
N TYR D 162 22.87 -0.76 3.40
CA TYR D 162 23.94 -0.91 2.43
C TYR D 162 23.92 -2.32 1.81
N ALA D 163 23.75 -3.35 2.65
CA ALA D 163 23.69 -4.70 2.14
C ALA D 163 22.47 -4.90 1.23
N LEU D 164 21.33 -4.33 1.61
CA LEU D 164 20.12 -4.45 0.78
C LEU D 164 20.31 -3.79 -0.57
N ILE D 165 20.92 -2.60 -0.61
CA ILE D 165 21.15 -1.92 -1.87
C ILE D 165 22.15 -2.68 -2.72
N GLN D 166 23.16 -3.28 -2.09
CA GLN D 166 24.13 -4.07 -2.84
C GLN D 166 23.47 -5.31 -3.44
N HIS D 167 22.55 -5.94 -2.71
CA HIS D 167 21.83 -7.08 -3.25
C HIS D 167 20.97 -6.66 -4.45
N GLN D 168 20.31 -5.52 -4.35
CA GLN D 168 19.50 -5.03 -5.46
C GLN D 168 20.36 -4.69 -6.67
N LYS D 169 21.56 -4.16 -6.43
CA LYS D 169 22.50 -3.95 -7.52
C LYS D 169 22.92 -5.26 -8.17
N SER D 170 23.11 -6.31 -7.34
CA SER D 170 23.43 -7.62 -7.89
C SER D 170 22.28 -8.18 -8.72
N HIS D 171 21.05 -7.97 -8.26
CA HIS D 171 19.89 -8.37 -9.05
C HIS D 171 19.80 -7.61 -10.35
N LYS D 172 20.34 -6.38 -10.40
CA LYS D 172 20.30 -5.58 -11.61
C LYS D 172 21.12 -6.19 -12.74
N ASN D 173 22.04 -7.10 -12.43
CA ASN D 173 22.89 -7.68 -13.47
C ASN D 173 22.06 -8.42 -14.53
N GLU D 174 21.07 -9.18 -14.08
CA GLU D 174 20.16 -9.90 -14.96
C GLU D 174 18.77 -9.30 -14.85
N LYS D 175 17.99 -9.41 -15.93
CA LYS D 175 16.65 -8.85 -15.93
C LYS D 175 15.81 -9.50 -14.84
N ARG D 176 15.48 -8.73 -13.81
CA ARG D 176 15.01 -9.30 -12.55
C ARG D 176 13.69 -10.04 -12.72
N PHE D 177 12.75 -9.47 -13.48
CA PHE D 177 11.43 -10.07 -13.63
C PHE D 177 11.49 -11.16 -14.70
N LYS D 178 11.45 -12.42 -14.26
CA LYS D 178 11.61 -13.58 -15.13
C LYS D 178 10.32 -14.37 -15.16
N CYS D 179 9.87 -14.70 -16.37
CA CYS D 179 8.55 -15.29 -16.58
C CYS D 179 8.42 -16.66 -15.91
N ASP D 180 7.17 -17.13 -15.85
CA ASP D 180 6.84 -18.42 -15.23
C ASP D 180 6.76 -19.56 -16.23
N GLN D 181 6.21 -19.32 -17.41
CA GLN D 181 6.02 -20.36 -18.42
C GLN D 181 7.10 -20.35 -19.49
N CYS D 182 8.13 -19.53 -19.34
CA CYS D 182 9.20 -19.45 -20.33
C CYS D 182 10.45 -18.92 -19.65
N ASP D 183 11.55 -18.88 -20.42
CA ASP D 183 12.83 -18.40 -19.93
C ASP D 183 13.02 -16.91 -20.15
N TYR D 184 12.00 -16.22 -20.64
CA TYR D 184 12.12 -14.78 -20.90
C TYR D 184 12.17 -14.00 -19.58
N ALA D 185 12.95 -12.92 -19.60
CA ALA D 185 13.06 -12.02 -18.45
C ALA D 185 13.06 -10.58 -18.94
N CYS D 186 12.65 -9.68 -18.05
CA CYS D 186 12.60 -8.26 -18.36
C CYS D 186 12.83 -7.46 -17.09
N ARG D 187 13.21 -6.20 -17.26
CA ARG D 187 13.51 -5.31 -16.15
C ARG D 187 12.37 -4.37 -15.81
N GLN D 188 11.22 -4.51 -16.45
CA GLN D 188 10.05 -3.67 -16.17
C GLN D 188 8.83 -4.55 -15.94
N GLU D 189 8.03 -4.19 -14.94
CA GLU D 189 6.87 -5.00 -14.58
C GLU D 189 5.79 -4.93 -15.66
N ARG D 190 5.63 -3.77 -16.29
CA ARG D 190 4.63 -3.64 -17.35
C ARG D 190 4.96 -4.58 -18.51
N HIS D 191 6.24 -4.66 -18.89
CA HIS D 191 6.66 -5.64 -19.89
C HIS D 191 6.38 -7.05 -19.41
N MET D 192 6.65 -7.30 -18.12
CA MET D 192 6.34 -8.60 -17.52
C MET D 192 4.85 -8.89 -17.61
N ILE D 193 4.01 -7.91 -17.26
CA ILE D 193 2.56 -8.09 -17.29
C ILE D 193 2.09 -8.37 -18.72
N MET D 194 2.58 -7.58 -19.68
CA MET D 194 2.20 -7.79 -21.08
C MET D 194 2.61 -9.17 -21.56
N HIS D 195 3.79 -9.61 -21.15
CA HIS D 195 4.22 -10.97 -21.48
C HIS D 195 3.30 -11.99 -20.82
N LYS D 196 2.91 -11.75 -19.57
CA LYS D 196 1.93 -12.61 -18.92
C LYS D 196 0.59 -12.54 -19.64
N ARG D 197 0.28 -11.40 -20.26
CA ARG D 197 -0.91 -11.31 -21.10
C ARG D 197 -0.75 -12.09 -22.39
N THR D 198 0.48 -12.31 -22.87
CA THR D 198 0.67 -13.14 -24.05
C THR D 198 0.26 -14.58 -23.78
N HIS D 199 0.69 -15.14 -22.63
CA HIS D 199 0.37 -16.52 -22.27
C HIS D 199 -1.04 -16.68 -21.76
N THR D 200 -1.88 -15.64 -21.89
CA THR D 200 -3.27 -15.68 -21.47
C THR D 200 -4.13 -15.05 -22.55
N GLY D 201 -5.44 -15.16 -22.38
CA GLY D 201 -6.40 -14.57 -23.28
C GLY D 201 -6.90 -13.20 -22.88
N GLU D 202 -6.29 -12.55 -21.89
CA GLU D 202 -6.76 -11.27 -21.41
C GLU D 202 -6.50 -10.19 -22.46
N LYS D 203 -7.55 -9.47 -22.85
CA LYS D 203 -7.47 -8.40 -23.84
C LYS D 203 -8.14 -7.16 -23.27
N PRO D 204 -7.51 -6.51 -22.29
CA PRO D 204 -8.19 -5.40 -21.59
C PRO D 204 -8.29 -4.13 -22.41
N TYR D 205 -7.41 -3.91 -23.38
CA TYR D 205 -7.44 -2.70 -24.19
C TYR D 205 -8.45 -2.90 -25.32
N ALA D 206 -9.71 -2.58 -25.02
CA ALA D 206 -10.77 -2.69 -26.02
C ALA D 206 -10.85 -1.41 -26.83
N CYS D 207 -11.17 -1.56 -28.11
CA CYS D 207 -11.34 -0.40 -28.98
C CYS D 207 -12.58 0.39 -28.57
N SER D 208 -12.48 1.71 -28.67
CA SER D 208 -13.58 2.59 -28.29
C SER D 208 -14.62 2.75 -29.40
N HIS D 209 -14.38 2.18 -30.58
CA HIS D 209 -15.31 2.32 -31.69
C HIS D 209 -15.64 1.01 -32.40
N CYS D 210 -14.88 -0.07 -32.20
CA CYS D 210 -15.13 -1.30 -32.94
C CYS D 210 -14.89 -2.49 -32.03
N ASP D 211 -14.91 -3.68 -32.63
CA ASP D 211 -14.85 -4.94 -31.91
C ASP D 211 -13.45 -5.35 -31.49
N LYS D 212 -12.41 -4.76 -32.09
CA LYS D 212 -11.05 -5.23 -31.86
C LYS D 212 -10.64 -5.07 -30.40
N THR D 213 -10.27 -6.18 -29.78
CA THR D 213 -9.80 -6.23 -28.40
C THR D 213 -8.40 -6.83 -28.38
N PHE D 214 -7.52 -6.28 -27.53
CA PHE D 214 -6.17 -6.81 -27.48
C PHE D 214 -5.53 -6.58 -26.10
N ARG D 215 -4.45 -7.33 -25.87
CA ARG D 215 -3.82 -7.45 -24.56
C ARG D 215 -2.98 -6.23 -24.20
N GLN D 216 -2.25 -5.67 -25.17
CA GLN D 216 -1.33 -4.55 -24.94
C GLN D 216 -1.95 -3.25 -25.41
N LYS D 217 -1.18 -2.16 -25.30
CA LYS D 217 -1.62 -0.81 -25.66
C LYS D 217 -1.07 -0.35 -27.00
N GLN D 218 0.18 -0.70 -27.29
CA GLN D 218 0.85 -0.46 -28.56
C GLN D 218 -0.07 -0.72 -29.74
N LEU D 219 -0.53 -1.97 -29.85
CA LEU D 219 -1.32 -2.41 -30.99
C LEU D 219 -2.70 -1.78 -31.00
N LEU D 220 -3.24 -1.47 -29.82
CA LEU D 220 -4.50 -0.74 -29.79
C LEU D 220 -4.34 0.66 -30.39
N ASP D 221 -3.22 1.32 -30.08
CA ASP D 221 -2.93 2.62 -30.68
C ASP D 221 -2.81 2.51 -32.19
N MET D 222 -2.05 1.53 -32.66
CA MET D 222 -1.90 1.33 -34.09
C MET D 222 -3.23 1.04 -34.76
N HIS D 223 -4.03 0.17 -34.14
CA HIS D 223 -5.33 -0.18 -34.70
C HIS D 223 -6.23 1.05 -34.78
N PHE D 224 -6.30 1.84 -33.71
CA PHE D 224 -7.12 3.04 -33.72
C PHE D 224 -6.62 4.04 -34.76
N LYS D 225 -5.30 4.19 -34.86
CA LYS D 225 -4.73 5.22 -35.73
C LYS D 225 -5.08 4.98 -37.20
N ARG D 226 -5.03 3.73 -37.66
CA ARG D 226 -5.24 3.45 -39.07
C ARG D 226 -6.60 2.84 -39.37
N TYR D 227 -7.50 2.74 -38.40
CA TYR D 227 -8.84 2.23 -38.65
C TYR D 227 -9.95 3.22 -38.34
N HIS D 228 -9.73 4.17 -37.43
CA HIS D 228 -10.80 5.05 -36.98
C HIS D 228 -10.40 6.52 -36.98
N ASP D 229 -9.23 6.88 -37.49
CA ASP D 229 -8.78 8.27 -37.53
C ASP D 229 -8.41 8.64 -38.96
N PRO D 230 -9.27 9.39 -39.67
CA PRO D 230 -8.93 9.81 -41.04
C PRO D 230 -7.79 10.80 -41.09
N ASN D 231 -7.56 11.58 -40.02
CA ASN D 231 -6.55 12.63 -40.06
C ASN D 231 -5.13 12.08 -40.06
N PHE D 232 -4.94 10.84 -39.60
CA PHE D 232 -3.60 10.28 -39.49
C PHE D 232 -2.99 10.04 -40.86
N VAL D 233 -1.67 10.20 -40.94
CA VAL D 233 -0.91 10.04 -42.18
C VAL D 233 0.18 9.01 -41.93
N PRO D 234 0.30 7.97 -42.74
CA PRO D 234 1.37 6.98 -42.54
C PRO D 234 2.75 7.58 -42.74
N ALA D 235 3.72 7.01 -42.03
CA ALA D 235 5.09 7.48 -42.14
C ALA D 235 5.69 7.10 -43.49
N ALA D 236 6.55 7.99 -44.00
CA ALA D 236 7.23 7.78 -45.27
C ALA D 236 8.73 7.98 -45.07
N PHE D 237 9.52 7.02 -45.52
CA PHE D 237 10.98 7.08 -45.44
C PHE D 237 11.53 7.15 -46.86
N VAL D 238 12.29 8.20 -47.15
CA VAL D 238 12.77 8.49 -48.50
C VAL D 238 14.20 8.02 -48.63
N CYS D 239 14.48 7.24 -49.67
CA CYS D 239 15.84 6.84 -49.98
C CYS D 239 16.64 8.05 -50.45
N SER D 240 17.77 8.31 -49.79
CA SER D 240 18.59 9.47 -50.13
C SER D 240 19.33 9.30 -51.45
N LYS D 241 19.36 8.10 -52.02
CA LYS D 241 20.08 7.85 -53.27
C LYS D 241 19.17 7.79 -54.49
N CYS D 242 17.89 7.46 -54.31
CA CYS D 242 16.96 7.37 -55.43
C CYS D 242 15.65 8.11 -55.22
N GLY D 243 15.28 8.45 -54.00
CA GLY D 243 14.06 9.18 -53.73
C GLY D 243 12.82 8.33 -53.57
N LYS D 244 12.91 7.01 -53.75
CA LYS D 244 11.75 6.16 -53.59
C LYS D 244 11.40 6.03 -52.12
N THR D 245 10.11 6.16 -51.80
CA THR D 245 9.65 6.16 -50.42
C THR D 245 9.38 4.74 -49.93
N PHE D 246 9.52 4.55 -48.62
CA PHE D 246 9.23 3.28 -47.97
C PHE D 246 8.48 3.55 -46.67
N THR D 247 7.73 2.55 -46.22
CA THR D 247 6.99 2.65 -44.97
C THR D 247 7.75 2.11 -43.77
N ARG D 248 8.78 1.28 -43.99
CA ARG D 248 9.61 0.75 -42.93
C ARG D 248 11.05 1.19 -43.14
N ARG D 249 11.69 1.63 -42.05
CA ARG D 249 13.07 2.08 -42.15
C ARG D 249 14.04 0.92 -42.37
N ASN D 250 13.68 -0.29 -41.95
CA ASN D 250 14.51 -1.45 -42.25
C ASN D 250 14.61 -1.67 -43.76
N THR D 251 13.47 -1.63 -44.46
CA THR D 251 13.48 -1.80 -45.91
C THR D 251 14.19 -0.64 -46.59
N MET D 252 13.96 0.59 -46.11
CA MET D 252 14.63 1.75 -46.69
C MET D 252 16.14 1.66 -46.52
N ALA D 253 16.59 1.24 -45.33
CA ALA D 253 18.02 1.10 -45.09
C ALA D 253 18.63 0.02 -45.98
N ARG D 254 17.94 -1.11 -46.12
CA ARG D 254 18.45 -2.17 -46.99
C ARG D 254 18.49 -1.73 -48.44
N HIS D 255 17.47 -0.99 -48.89
CA HIS D 255 17.49 -0.45 -50.24
C HIS D 255 18.65 0.51 -50.43
N ALA D 256 18.89 1.38 -49.45
CA ALA D 256 20.01 2.32 -49.54
C ALA D 256 21.35 1.59 -49.58
N ASP D 257 21.44 0.45 -48.90
CA ASP D 257 22.65 -0.38 -49.00
C ASP D 257 22.82 -1.01 -50.37
N ASN D 258 21.73 -1.18 -51.11
CA ASN D 258 21.76 -1.81 -52.42
C ASN D 258 21.17 -0.91 -53.50
N CYS D 259 21.55 0.37 -53.48
CA CYS D 259 21.09 1.34 -54.47
C CYS D 259 22.29 2.17 -54.92
N ALA D 260 22.04 3.05 -55.89
CA ALA D 260 23.09 3.91 -56.42
C ALA D 260 22.99 5.31 -55.82
ZN ZN G . -38.66 -39.72 -24.59
ZN ZN H . -14.41 -29.95 -29.59
ZN ZN I . -24.89 -3.29 -26.74
ZN ZN J . -36.47 -11.75 -3.40
ZN ZN K . -9.31 -19.20 2.32
ZN ZN L . 5.46 -10.29 12.91
ZN ZN M . 12.71 6.50 29.22
ZN ZN N . -1.50 29.51 33.74
ZN ZN O . -17.58 9.34 56.29
NA NA P . -2.52 6.67 23.36
NA NA Q . -21.39 -5.19 -12.14
ZN ZN R . 26.11 15.77 38.13
ZN ZN S . 14.22 32.32 22.23
ZN ZN T . 35.21 31.99 4.40
ZN ZN U . 29.17 3.69 5.31
ZN ZN V . 16.86 -9.50 -4.38
ZN ZN W . 6.15 -16.66 -20.72
ZN ZN X . -11.03 -0.07 -33.84
ZN ZN Y . 17.58 3.81 -53.53
#